data_4A9E
#
_entry.id   4A9E
#
_cell.length_a   114.232
_cell.length_b   55.531
_cell.length_c   67.975
_cell.angle_alpha   90.00
_cell.angle_beta   94.85
_cell.angle_gamma   90.00
#
_symmetry.space_group_name_H-M   'C 1 2 1'
#
loop_
_entity.id
_entity.type
_entity.pdbx_description
1 polymer 'BROMODOMAIN-CONTAINING PROTEIN 2'
2 non-polymer 3-methyl-3,4-dihydroquinazolin-2(1H)-one
3 non-polymer 1,2-ETHANEDIOL
4 non-polymer 'SULFATE ION'
5 water water
#
_entity_poly.entity_id   1
_entity_poly.type   'polypeptide(L)'
_entity_poly.pdbx_seq_one_letter_code
;GSSHHHHHHSSGLVPRGSHMSNPKKPGRVTNQLQYLHKVVMKALWKHQFAWPFRQPVDAVKLGLPDYHKIIKQPMDMGTI
KRRLENNYYWAASECMQDFNTMFTNCYIYNKPTDDIVLMAQTLEKIFLQKVASMPQEEQELVVTIPKNSHKKGA
;
_entity_poly.pdbx_strand_id   A,B,C
#
loop_
_chem_comp.id
_chem_comp.type
_chem_comp.name
_chem_comp.formula
3PF non-polymer 3-methyl-3,4-dihydroquinazolin-2(1H)-one 'C9 H10 N2 O'
EDO non-polymer 1,2-ETHANEDIOL 'C2 H6 O2'
SO4 non-polymer 'SULFATE ION' 'O4 S -2'
#
# COMPACT_ATOMS: atom_id res chain seq x y z
N VAL A 29 17.77 -3.06 -3.47
CA VAL A 29 16.87 -1.91 -3.21
C VAL A 29 16.26 -1.39 -4.51
N THR A 30 14.93 -1.29 -4.54
CA THR A 30 14.21 -0.70 -5.66
C THR A 30 13.27 0.39 -5.15
N ASN A 31 12.81 1.25 -6.06
CA ASN A 31 11.86 2.30 -5.73
C ASN A 31 10.55 1.78 -5.12
N GLN A 32 10.08 0.64 -5.58
CA GLN A 32 8.85 0.03 -5.06
C GLN A 32 9.06 -0.53 -3.66
N LEU A 33 10.20 -1.19 -3.44
CA LEU A 33 10.54 -1.73 -2.13
C LEU A 33 10.71 -0.63 -1.09
N GLN A 34 11.28 0.50 -1.51
CA GLN A 34 11.38 1.67 -0.64
C GLN A 34 10.00 2.18 -0.25
N TYR A 35 9.09 2.19 -1.23
CA TYR A 35 7.71 2.59 -0.96
C TYR A 35 7.05 1.63 0.03
N LEU A 36 7.21 0.33 -0.20
CA LEU A 36 6.65 -0.68 0.70
C LEU A 36 7.22 -0.56 2.12
N HIS A 37 8.48 -0.15 2.22
CA HIS A 37 9.12 0.03 3.52
C HIS A 37 8.66 1.33 4.18
N LYS A 38 8.82 2.45 3.46
CA LYS A 38 8.60 3.79 4.02
C LYS A 38 7.13 4.19 4.15
N VAL A 39 6.26 3.65 3.30
CA VAL A 39 4.85 4.03 3.29
C VAL A 39 3.98 2.91 3.85
N VAL A 40 4.10 1.72 3.28
CA VAL A 40 3.22 0.60 3.65
C VAL A 40 3.55 0.01 5.01
N MET A 41 4.78 -0.43 5.20
CA MET A 41 5.19 -1.02 6.49
C MET A 41 5.10 0.00 7.61
N LYS A 42 5.52 1.24 7.33
CA LYS A 42 5.42 2.33 8.29
C LYS A 42 4.01 2.47 8.83
N ALA A 43 3.02 2.52 7.94
CA ALA A 43 1.62 2.67 8.34
C ALA A 43 1.09 1.46 9.10
N LEU A 44 1.41 0.25 8.62
CA LEU A 44 0.88 -0.96 9.23
C LEU A 44 1.51 -1.29 10.58
N TRP A 45 2.83 -1.07 10.70
CA TRP A 45 3.58 -1.44 11.90
C TRP A 45 3.12 -0.69 13.14
N LYS A 46 2.78 0.59 12.98
CA LYS A 46 2.36 1.44 14.09
C LYS A 46 0.85 1.44 14.32
N HIS A 47 0.11 0.68 13.52
CA HIS A 47 -1.35 0.65 13.62
C HIS A 47 -1.80 -0.04 14.92
N GLN A 48 -2.88 0.48 15.51
CA GLN A 48 -3.40 -0.05 16.78
C GLN A 48 -3.83 -1.52 16.73
N PHE A 49 -4.07 -2.06 15.54
CA PHE A 49 -4.44 -3.48 15.40
C PHE A 49 -3.26 -4.35 14.98
N ALA A 50 -2.07 -3.77 14.88
CA ALA A 50 -0.88 -4.49 14.37
C ALA A 50 -0.27 -5.49 15.34
N TRP A 51 -0.47 -5.29 16.64
CA TRP A 51 0.29 -6.02 17.66
C TRP A 51 0.26 -7.56 17.54
N PRO A 52 -0.90 -8.16 17.18
CA PRO A 52 -0.88 -9.62 17.03
C PRO A 52 -0.07 -10.12 15.83
N PHE A 53 0.31 -9.22 14.92
CA PHE A 53 1.00 -9.57 13.69
C PHE A 53 2.46 -9.14 13.66
N ARG A 54 2.94 -8.53 14.75
CA ARG A 54 4.31 -7.99 14.77
C ARG A 54 5.41 -9.03 14.99
N GLN A 55 5.01 -10.26 15.30
CA GLN A 55 5.94 -11.36 15.54
C GLN A 55 5.27 -12.66 15.10
N PRO A 56 6.07 -13.71 14.81
CA PRO A 56 5.49 -14.98 14.43
C PRO A 56 4.47 -15.49 15.42
N VAL A 57 3.43 -16.15 14.92
CA VAL A 57 2.44 -16.81 15.77
C VAL A 57 3.17 -17.79 16.70
N ASP A 58 2.99 -17.62 18.00
CA ASP A 58 3.50 -18.55 18.99
C ASP A 58 2.31 -19.42 19.41
N ALA A 59 2.19 -20.59 18.77
CA ALA A 59 1.05 -21.49 18.97
C ALA A 59 0.87 -21.94 20.42
N VAL A 60 1.97 -22.12 21.14
CA VAL A 60 1.91 -22.53 22.55
C VAL A 60 1.36 -21.38 23.40
N LYS A 61 2.01 -20.21 23.30
CA LYS A 61 1.59 -19.02 24.04
C LYS A 61 0.13 -18.67 23.79
N LEU A 62 -0.28 -18.67 22.53
CA LEU A 62 -1.64 -18.26 22.16
C LEU A 62 -2.67 -19.37 22.33
N GLY A 63 -2.23 -20.59 22.57
CA GLY A 63 -3.14 -21.73 22.77
C GLY A 63 -3.81 -22.16 21.48
N LEU A 64 -3.00 -22.41 20.45
CA LEU A 64 -3.48 -22.79 19.12
C LEU A 64 -2.71 -24.05 18.64
N PRO A 65 -2.97 -25.23 19.26
CA PRO A 65 -2.14 -26.44 19.05
C PRO A 65 -2.07 -27.01 17.62
N ASP A 66 -3.10 -26.74 16.83
CA ASP A 66 -3.18 -27.23 15.45
C ASP A 66 -2.67 -26.21 14.44
N TYR A 67 -2.18 -25.07 14.93
CA TYR A 67 -1.85 -23.97 14.05
C TYR A 67 -0.88 -24.36 12.92
N HIS A 68 0.19 -25.05 13.27
CA HIS A 68 1.23 -25.37 12.27
C HIS A 68 0.88 -26.57 11.40
N LYS A 69 -0.14 -27.32 11.79
CA LYS A 69 -0.70 -28.36 10.94
C LYS A 69 -1.59 -27.76 9.84
N ILE A 70 -2.20 -26.61 10.14
CA ILE A 70 -3.09 -25.95 9.19
C ILE A 70 -2.36 -24.89 8.37
N ILE A 71 -1.49 -24.12 9.03
CA ILE A 71 -0.73 -23.07 8.35
C ILE A 71 0.71 -23.54 8.10
N LYS A 72 1.03 -23.75 6.84
CA LYS A 72 2.34 -24.32 6.47
C LYS A 72 3.41 -23.30 6.15
N GLN A 73 3.00 -22.05 5.90
N GLN A 73 3.01 -22.06 5.85
CA GLN A 73 3.93 -20.95 5.61
CA GLN A 73 3.95 -20.97 5.63
C GLN A 73 3.59 -19.78 6.51
C GLN A 73 3.59 -19.79 6.51
N PRO A 74 4.02 -19.83 7.79
CA PRO A 74 3.75 -18.70 8.69
C PRO A 74 4.43 -17.42 8.20
N MET A 75 3.79 -16.29 8.44
CA MET A 75 4.39 -15.02 8.09
C MET A 75 3.84 -13.98 9.05
N ASP A 76 4.63 -12.93 9.27
CA ASP A 76 4.30 -11.87 10.21
C ASP A 76 5.03 -10.59 9.79
N MET A 77 4.65 -9.45 10.35
N MET A 77 4.62 -9.46 10.37
CA MET A 77 5.22 -8.17 9.93
CA MET A 77 5.18 -8.15 10.02
C MET A 77 6.62 -7.88 10.46
C MET A 77 6.64 -8.00 10.39
N GLY A 78 7.01 -8.53 11.56
CA GLY A 78 8.39 -8.44 12.04
C GLY A 78 9.36 -9.07 11.06
N THR A 79 8.98 -10.25 10.56
CA THR A 79 9.74 -10.96 9.52
C THR A 79 9.83 -10.13 8.23
N ILE A 80 8.72 -9.53 7.81
CA ILE A 80 8.69 -8.73 6.58
C ILE A 80 9.55 -7.47 6.73
N LYS A 81 9.41 -6.81 7.88
CA LYS A 81 10.16 -5.62 8.22
C LYS A 81 11.67 -5.90 8.25
N ARG A 82 12.04 -7.01 8.88
CA ARG A 82 13.43 -7.46 8.91
C ARG A 82 13.94 -7.70 7.49
N ARG A 83 13.13 -8.37 6.67
CA ARG A 83 13.47 -8.63 5.27
C ARG A 83 13.65 -7.35 4.46
N LEU A 84 12.79 -6.35 4.70
CA LEU A 84 12.92 -5.05 4.06
C LEU A 84 14.20 -4.34 4.48
N GLU A 85 14.45 -4.33 5.78
CA GLU A 85 15.66 -3.72 6.34
C GLU A 85 16.95 -4.36 5.81
N ASN A 86 16.93 -5.68 5.64
CA ASN A 86 18.11 -6.43 5.19
C ASN A 86 18.23 -6.60 3.67
N ASN A 87 17.38 -5.92 2.91
CA ASN A 87 17.36 -6.03 1.45
C ASN A 87 17.26 -7.49 0.95
N TYR A 88 16.35 -8.23 1.56
CA TYR A 88 16.10 -9.63 1.21
C TYR A 88 15.35 -9.76 -0.11
N TYR A 89 14.41 -8.84 -0.34
CA TYR A 89 13.56 -8.91 -1.52
C TYR A 89 14.27 -8.42 -2.79
N TRP A 90 14.06 -9.15 -3.87
CA TRP A 90 14.56 -8.74 -5.18
C TRP A 90 13.52 -7.88 -5.91
N ALA A 91 12.24 -8.15 -5.66
CA ALA A 91 11.15 -7.41 -6.28
C ALA A 91 10.08 -7.07 -5.26
N ALA A 92 9.37 -5.97 -5.50
CA ALA A 92 8.28 -5.53 -4.62
C ALA A 92 7.19 -6.58 -4.51
N SER A 93 6.88 -7.24 -5.63
CA SER A 93 5.87 -8.30 -5.64
C SER A 93 6.11 -9.40 -4.58
N GLU A 94 7.38 -9.73 -4.33
N GLU A 94 7.38 -9.71 -4.34
CA GLU A 94 7.74 -10.75 -3.34
CA GLU A 94 7.75 -10.73 -3.35
C GLU A 94 7.35 -10.32 -1.92
C GLU A 94 7.36 -10.33 -1.92
N CYS A 95 7.58 -9.05 -1.59
CA CYS A 95 7.18 -8.49 -0.31
C CYS A 95 5.66 -8.46 -0.18
N MET A 96 5.00 -8.08 -1.27
CA MET A 96 3.54 -8.07 -1.35
C MET A 96 2.96 -9.47 -1.10
N GLN A 97 3.60 -10.51 -1.63
CA GLN A 97 3.15 -11.89 -1.38
C GLN A 97 3.30 -12.28 0.08
N ASP A 98 4.35 -11.82 0.75
CA ASP A 98 4.52 -12.08 2.19
C ASP A 98 3.40 -11.42 3.02
N PHE A 99 3.11 -10.16 2.74
CA PHE A 99 1.96 -9.48 3.37
C PHE A 99 0.69 -10.30 3.14
N ASN A 100 0.45 -10.67 1.89
CA ASN A 100 -0.73 -11.45 1.53
C ASN A 100 -0.81 -12.79 2.28
N THR A 101 0.31 -13.51 2.34
CA THR A 101 0.38 -14.76 3.08
C THR A 101 0.04 -14.55 4.55
N MET A 102 0.60 -13.50 5.15
CA MET A 102 0.28 -13.17 6.55
C MET A 102 -1.21 -13.01 6.75
N PHE A 103 -1.88 -12.26 5.87
CA PHE A 103 -3.32 -12.01 6.06
C PHE A 103 -4.12 -13.28 5.75
N THR A 104 -3.72 -13.97 4.69
CA THR A 104 -4.44 -15.17 4.26
C THR A 104 -4.38 -16.27 5.32
N ASN A 105 -3.22 -16.44 5.96
CA ASN A 105 -3.07 -17.40 7.05
C ASN A 105 -4.09 -17.14 8.14
N CYS A 106 -4.28 -15.87 8.47
CA CYS A 106 -5.19 -15.45 9.52
C CYS A 106 -6.65 -15.79 9.19
N TYR A 107 -7.06 -15.51 7.95
CA TYR A 107 -8.42 -15.82 7.53
C TYR A 107 -8.69 -17.33 7.49
N ILE A 108 -7.68 -18.09 7.07
CA ILE A 108 -7.81 -19.54 6.94
C ILE A 108 -7.89 -20.23 8.30
N TYR A 109 -6.98 -19.88 9.21
CA TYR A 109 -6.89 -20.58 10.48
C TYR A 109 -8.00 -20.25 11.48
N ASN A 110 -8.22 -18.96 11.70
CA ASN A 110 -9.10 -18.49 12.75
C ASN A 110 -10.58 -18.66 12.40
N LYS A 111 -11.43 -18.64 13.43
CA LYS A 111 -12.87 -18.67 13.24
C LYS A 111 -13.30 -17.37 12.59
N PRO A 112 -14.32 -17.41 11.70
CA PRO A 112 -14.84 -16.21 11.02
C PRO A 112 -15.25 -15.07 11.94
N THR A 113 -15.71 -15.40 13.16
CA THR A 113 -16.18 -14.39 14.11
C THR A 113 -15.10 -13.90 15.09
N ASP A 114 -13.88 -14.43 14.98
CA ASP A 114 -12.78 -14.00 15.84
C ASP A 114 -12.39 -12.55 15.52
N ASP A 115 -12.09 -11.77 16.58
CA ASP A 115 -11.64 -10.39 16.41
C ASP A 115 -10.40 -10.27 15.53
N ILE A 116 -9.50 -11.25 15.61
CA ILE A 116 -8.26 -11.22 14.84
C ILE A 116 -8.53 -11.07 13.34
N VAL A 117 -9.62 -11.67 12.87
CA VAL A 117 -10.01 -11.60 11.46
C VAL A 117 -10.39 -10.16 11.08
N LEU A 118 -11.16 -9.48 11.94
N LEU A 118 -11.14 -9.49 11.95
CA LEU A 118 -11.48 -8.07 11.73
CA LEU A 118 -11.49 -8.09 11.76
C LEU A 118 -10.24 -7.20 11.73
C LEU A 118 -10.25 -7.19 11.75
N MET A 119 -9.31 -7.48 12.64
CA MET A 119 -8.06 -6.74 12.72
C MET A 119 -7.24 -6.94 11.44
N ALA A 120 -7.14 -8.19 10.99
CA ALA A 120 -6.45 -8.50 9.74
C ALA A 120 -7.09 -7.75 8.55
N GLN A 121 -8.42 -7.81 8.46
CA GLN A 121 -9.14 -7.11 7.38
C GLN A 121 -8.86 -5.60 7.36
N THR A 122 -8.80 -5.00 8.55
CA THR A 122 -8.55 -3.56 8.66
C THR A 122 -7.15 -3.23 8.14
N LEU A 123 -6.17 -4.01 8.56
CA LEU A 123 -4.80 -3.81 8.12
C LEU A 123 -4.65 -4.06 6.62
N GLU A 124 -5.29 -5.10 6.11
CA GLU A 124 -5.18 -5.42 4.68
C GLU A 124 -5.80 -4.35 3.80
N LYS A 125 -6.87 -3.73 4.28
CA LYS A 125 -7.47 -2.62 3.54
C LYS A 125 -6.48 -1.46 3.40
N ILE A 126 -5.74 -1.15 4.46
N ILE A 126 -5.74 -1.15 4.46
CA ILE A 126 -4.71 -0.12 4.39
CA ILE A 126 -4.69 -0.13 4.41
C ILE A 126 -3.58 -0.52 3.44
C ILE A 126 -3.60 -0.53 3.44
N PHE A 127 -3.18 -1.79 3.53
CA PHE A 127 -2.17 -2.35 2.62
C PHE A 127 -2.54 -2.12 1.15
N LEU A 128 -3.76 -2.50 0.80
CA LEU A 128 -4.26 -2.35 -0.58
C LEU A 128 -4.41 -0.88 -0.99
N GLN A 129 -4.93 -0.06 -0.10
CA GLN A 129 -5.03 1.39 -0.35
C GLN A 129 -3.69 1.98 -0.72
N LYS A 130 -2.66 1.67 0.06
CA LYS A 130 -1.32 2.20 -0.15
C LYS A 130 -0.65 1.60 -1.38
N VAL A 131 -0.84 0.29 -1.60
CA VAL A 131 -0.26 -0.37 -2.77
C VAL A 131 -0.80 0.19 -4.08
N ALA A 132 -2.02 0.71 -4.05
CA ALA A 132 -2.62 1.36 -5.22
C ALA A 132 -1.82 2.57 -5.73
N SER A 133 -1.06 3.22 -4.83
CA SER A 133 -0.26 4.39 -5.19
C SER A 133 1.25 4.11 -5.23
N MET A 134 1.63 2.83 -5.19
CA MET A 134 3.04 2.43 -5.32
C MET A 134 3.58 2.76 -6.71
N PRO A 135 4.87 3.16 -6.81
CA PRO A 135 5.49 3.39 -8.13
C PRO A 135 5.29 2.22 -9.08
N GLN A 136 4.98 2.52 -10.34
CA GLN A 136 4.55 1.51 -11.31
C GLN A 136 5.68 0.60 -11.81
N GLU A 137 6.83 1.19 -12.11
CA GLU A 137 7.94 0.47 -12.73
C GLU A 137 9.05 0.20 -11.72
N GLU A 138 9.45 -1.06 -11.61
CA GLU A 138 10.53 -1.45 -10.71
C GLU A 138 11.89 -1.12 -11.35
N GLN A 139 12.53 -0.07 -10.83
CA GLN A 139 13.87 0.33 -11.25
C GLN A 139 14.83 0.12 -10.08
N GLU A 140 15.93 -0.58 -10.36
CA GLU A 140 16.92 -0.94 -9.33
C GLU A 140 17.62 0.29 -8.76
N GLY B 27 -18.94 7.27 -10.50
CA GLY B 27 -17.53 6.89 -10.82
C GLY B 27 -17.03 7.50 -12.11
N ARG B 28 -15.88 7.01 -12.58
CA ARG B 28 -15.21 7.59 -13.74
C ARG B 28 -14.23 6.61 -14.38
N VAL B 29 -13.60 7.03 -15.48
CA VAL B 29 -12.57 6.25 -16.16
C VAL B 29 -11.20 6.82 -15.85
N THR B 30 -10.34 6.02 -15.22
CA THR B 30 -8.95 6.38 -14.99
C THR B 30 -8.04 5.39 -15.71
N ASN B 31 -6.76 5.75 -15.84
CA ASN B 31 -5.75 4.85 -16.39
C ASN B 31 -5.62 3.56 -15.59
N GLN B 32 -5.72 3.67 -14.26
CA GLN B 32 -5.59 2.55 -13.36
C GLN B 32 -6.78 1.59 -13.48
N LEU B 33 -8.00 2.14 -13.50
CA LEU B 33 -9.20 1.33 -13.66
C LEU B 33 -9.25 0.63 -15.02
N GLN B 34 -8.75 1.28 -16.07
CA GLN B 34 -8.60 0.62 -17.38
C GLN B 34 -7.63 -0.55 -17.27
N TYR B 35 -6.50 -0.34 -16.59
CA TYR B 35 -5.52 -1.39 -16.35
C TYR B 35 -6.12 -2.55 -15.56
N LEU B 36 -6.83 -2.24 -14.48
CA LEU B 36 -7.48 -3.28 -13.68
C LEU B 36 -8.49 -4.08 -14.51
N HIS B 37 -9.13 -3.43 -15.47
CA HIS B 37 -10.15 -4.06 -16.30
C HIS B 37 -9.53 -4.88 -17.43
N LYS B 38 -8.68 -4.24 -18.23
CA LYS B 38 -8.16 -4.84 -19.45
C LYS B 38 -6.93 -5.72 -19.25
N VAL B 39 -6.18 -5.49 -18.17
CA VAL B 39 -4.99 -6.28 -17.89
C VAL B 39 -5.23 -7.29 -16.76
N VAL B 40 -5.57 -6.79 -15.58
CA VAL B 40 -5.66 -7.63 -14.39
C VAL B 40 -6.86 -8.58 -14.46
N MET B 41 -8.06 -8.02 -14.58
CA MET B 41 -9.27 -8.86 -14.63
C MET B 41 -9.26 -9.82 -15.83
N LYS B 42 -8.79 -9.37 -16.99
CA LYS B 42 -8.78 -10.21 -18.18
C LYS B 42 -7.90 -11.46 -17.99
N ALA B 43 -6.74 -11.27 -17.37
CA ALA B 43 -5.84 -12.38 -17.03
C ALA B 43 -6.45 -13.33 -16.00
N LEU B 44 -7.04 -12.78 -14.94
CA LEU B 44 -7.68 -13.62 -13.92
C LEU B 44 -8.90 -14.35 -14.47
N TRP B 45 -9.72 -13.65 -15.25
CA TRP B 45 -10.97 -14.21 -15.76
C TRP B 45 -10.75 -15.49 -16.55
N LYS B 46 -9.71 -15.49 -17.39
CA LYS B 46 -9.38 -16.61 -18.28
C LYS B 46 -8.70 -17.80 -17.61
N HIS B 47 -8.22 -17.58 -16.38
CA HIS B 47 -7.43 -18.59 -15.67
C HIS B 47 -8.24 -19.86 -15.45
N GLN B 48 -7.57 -21.01 -15.49
CA GLN B 48 -8.23 -22.30 -15.34
C GLN B 48 -8.86 -22.54 -13.97
N PHE B 49 -8.46 -21.77 -12.96
CA PHE B 49 -9.05 -21.86 -11.62
C PHE B 49 -10.12 -20.78 -11.36
N ALA B 50 -10.42 -19.95 -12.36
CA ALA B 50 -11.31 -18.80 -12.15
C ALA B 50 -12.80 -19.14 -12.15
N TRP B 51 -13.17 -20.28 -12.73
CA TRP B 51 -14.58 -20.60 -12.96
C TRP B 51 -15.51 -20.45 -11.72
N PRO B 52 -15.06 -20.85 -10.51
CA PRO B 52 -15.95 -20.66 -9.36
C PRO B 52 -16.15 -19.21 -8.93
N PHE B 53 -15.34 -18.29 -9.48
CA PHE B 53 -15.30 -16.89 -9.07
C PHE B 53 -15.91 -15.92 -10.09
N ARG B 54 -16.39 -16.42 -11.22
CA ARG B 54 -16.87 -15.54 -12.30
C ARG B 54 -18.31 -15.05 -12.11
N GLN B 55 -19.00 -15.58 -11.11
CA GLN B 55 -20.38 -15.23 -10.81
C GLN B 55 -20.58 -15.31 -9.30
N PRO B 56 -21.61 -14.62 -8.78
CA PRO B 56 -21.91 -14.70 -7.36
C PRO B 56 -22.07 -16.13 -6.87
N VAL B 57 -21.59 -16.40 -5.66
CA VAL B 57 -21.80 -17.69 -5.02
C VAL B 57 -23.30 -17.99 -4.91
N ASP B 58 -23.71 -19.13 -5.47
CA ASP B 58 -25.08 -19.64 -5.31
C ASP B 58 -25.03 -20.73 -4.25
N ALA B 59 -25.32 -20.34 -3.01
CA ALA B 59 -25.15 -21.23 -1.86
C ALA B 59 -26.09 -22.45 -1.92
N VAL B 60 -27.28 -22.26 -2.49
CA VAL B 60 -28.24 -23.34 -2.66
C VAL B 60 -27.74 -24.34 -3.72
N LYS B 61 -27.44 -23.82 -4.89
CA LYS B 61 -26.97 -24.65 -6.01
C LYS B 61 -25.66 -25.38 -5.68
N LEU B 62 -24.74 -24.70 -5.00
CA LEU B 62 -23.45 -25.28 -4.61
C LEU B 62 -23.52 -26.11 -3.33
N GLY B 63 -24.62 -25.98 -2.59
CA GLY B 63 -24.81 -26.73 -1.35
C GLY B 63 -23.90 -26.25 -0.21
N LEU B 64 -23.78 -24.94 -0.08
CA LEU B 64 -22.90 -24.33 0.92
C LEU B 64 -23.72 -23.85 2.11
N PRO B 65 -23.70 -24.61 3.22
CA PRO B 65 -24.54 -24.28 4.38
C PRO B 65 -24.12 -22.99 5.08
N ASP B 66 -25.12 -22.18 5.46
CA ASP B 66 -24.89 -20.94 6.21
C ASP B 66 -23.98 -19.93 5.52
N TYR B 67 -23.84 -20.03 4.21
CA TYR B 67 -22.88 -19.17 3.49
C TYR B 67 -23.15 -17.70 3.78
N HIS B 68 -24.40 -17.28 3.62
CA HIS B 68 -24.76 -15.86 3.78
C HIS B 68 -24.88 -15.41 5.23
N LYS B 69 -24.91 -16.36 6.17
CA LYS B 69 -24.83 -16.03 7.59
C LYS B 69 -23.38 -15.76 8.01
N ILE B 70 -22.44 -16.38 7.31
CA ILE B 70 -21.02 -16.21 7.58
C ILE B 70 -20.40 -15.10 6.73
N ILE B 71 -20.74 -15.08 5.44
CA ILE B 71 -20.22 -14.07 4.52
C ILE B 71 -21.29 -12.99 4.32
N LYS B 72 -21.03 -11.80 4.83
CA LYS B 72 -22.00 -10.72 4.80
C LYS B 72 -21.84 -9.75 3.63
N GLN B 73 -20.68 -9.78 2.97
CA GLN B 73 -20.48 -9.02 1.74
C GLN B 73 -19.99 -9.94 0.61
N PRO B 74 -20.91 -10.66 -0.04
CA PRO B 74 -20.49 -11.48 -1.16
C PRO B 74 -19.86 -10.64 -2.26
N MET B 75 -18.84 -11.18 -2.91
CA MET B 75 -18.22 -10.52 -4.06
C MET B 75 -17.67 -11.56 -5.01
N ASP B 76 -17.63 -11.20 -6.29
CA ASP B 76 -17.17 -12.09 -7.34
C ASP B 76 -16.66 -11.27 -8.52
N MET B 77 -15.96 -11.91 -9.45
N MET B 77 -15.95 -11.93 -9.44
CA MET B 77 -15.35 -11.20 -10.57
CA MET B 77 -15.35 -11.27 -10.60
C MET B 77 -16.37 -10.70 -11.59
C MET B 77 -16.39 -10.68 -11.54
N GLY B 78 -17.51 -11.38 -11.71
CA GLY B 78 -18.59 -10.92 -12.58
C GLY B 78 -19.13 -9.57 -12.14
N THR B 79 -19.38 -9.45 -10.84
CA THR B 79 -19.82 -8.19 -10.24
C THR B 79 -18.76 -7.09 -10.44
N ILE B 80 -17.49 -7.43 -10.19
CA ILE B 80 -16.41 -6.46 -10.35
C ILE B 80 -16.26 -6.02 -11.80
N LYS B 81 -16.33 -6.98 -12.72
CA LYS B 81 -16.24 -6.71 -14.16
C LYS B 81 -17.37 -5.78 -14.62
N ARG B 82 -18.59 -6.04 -14.16
CA ARG B 82 -19.74 -5.21 -14.49
C ARG B 82 -19.60 -3.79 -13.92
N ARG B 83 -19.04 -3.68 -12.71
CA ARG B 83 -18.79 -2.37 -12.09
C ARG B 83 -17.75 -1.56 -12.87
N LEU B 84 -16.73 -2.23 -13.38
CA LEU B 84 -15.70 -1.59 -14.21
C LEU B 84 -16.31 -1.11 -15.52
N GLU B 85 -17.13 -1.96 -16.13
CA GLU B 85 -17.82 -1.65 -17.38
C GLU B 85 -18.80 -0.49 -17.23
N ASN B 86 -19.50 -0.43 -16.10
CA ASN B 86 -20.49 0.63 -15.85
C ASN B 86 -19.92 1.87 -15.15
N ASN B 87 -18.60 1.98 -15.10
CA ASN B 87 -17.93 3.13 -14.45
C ASN B 87 -18.43 3.38 -13.03
N TYR B 88 -18.55 2.29 -12.27
CA TYR B 88 -19.00 2.35 -10.87
C TYR B 88 -17.93 2.89 -9.94
N TYR B 89 -16.67 2.51 -10.20
CA TYR B 89 -15.56 2.89 -9.33
C TYR B 89 -15.09 4.30 -9.60
N TRP B 90 -14.74 5.01 -8.53
CA TRP B 90 -14.15 6.35 -8.61
C TRP B 90 -12.63 6.27 -8.60
N ALA B 91 -12.07 5.25 -7.94
CA ALA B 91 -10.63 5.05 -7.86
C ALA B 91 -10.26 3.56 -7.92
N ALA B 92 -9.02 3.29 -8.31
CA ALA B 92 -8.52 1.92 -8.45
C ALA B 92 -8.60 1.15 -7.12
N SER B 93 -8.27 1.82 -6.02
CA SER B 93 -8.29 1.19 -4.69
C SER B 93 -9.65 0.56 -4.37
N GLU B 94 -10.75 1.20 -4.78
CA GLU B 94 -12.09 0.68 -4.53
C GLU B 94 -12.29 -0.68 -5.20
N CYS B 95 -11.83 -0.78 -6.45
CA CYS B 95 -11.89 -2.00 -7.21
C CYS B 95 -10.99 -3.09 -6.60
N MET B 96 -9.79 -2.69 -6.19
CA MET B 96 -8.87 -3.61 -5.52
C MET B 96 -9.45 -4.15 -4.21
N GLN B 97 -10.19 -3.33 -3.48
N GLN B 97 -10.19 -3.33 -3.48
CA GLN B 97 -10.85 -3.78 -2.25
CA GLN B 97 -10.86 -3.78 -2.27
C GLN B 97 -11.91 -4.85 -2.55
C GLN B 97 -11.91 -4.84 -2.56
N ASP B 98 -12.62 -4.71 -3.68
CA ASP B 98 -13.62 -5.71 -4.08
C ASP B 98 -12.99 -7.06 -4.43
N PHE B 99 -11.85 -7.02 -5.13
CA PHE B 99 -11.06 -8.24 -5.37
C PHE B 99 -10.67 -8.88 -4.04
N ASN B 100 -10.17 -8.07 -3.12
CA ASN B 100 -9.75 -8.56 -1.82
C ASN B 100 -10.88 -9.22 -1.04
N THR B 101 -12.04 -8.57 -1.01
CA THR B 101 -13.22 -9.14 -0.37
C THR B 101 -13.58 -10.50 -0.96
N MET B 102 -13.57 -10.62 -2.28
CA MET B 102 -13.85 -11.90 -2.92
C MET B 102 -12.90 -12.99 -2.42
N PHE B 103 -11.61 -12.71 -2.41
CA PHE B 103 -10.63 -13.70 -1.95
C PHE B 103 -10.78 -13.98 -0.45
N THR B 104 -10.93 -12.93 0.35
CA THR B 104 -11.05 -13.08 1.80
C THR B 104 -12.28 -13.91 2.19
N ASN B 105 -13.41 -13.67 1.52
CA ASN B 105 -14.64 -14.45 1.73
C ASN B 105 -14.37 -15.93 1.56
N CYS B 106 -13.63 -16.26 0.51
CA CYS B 106 -13.27 -17.64 0.21
C CYS B 106 -12.46 -18.29 1.35
N TYR B 107 -11.47 -17.57 1.87
CA TYR B 107 -10.61 -18.09 2.95
C TYR B 107 -11.35 -18.24 4.27
N ILE B 108 -12.27 -17.30 4.53
CA ILE B 108 -13.06 -17.30 5.75
C ILE B 108 -14.08 -18.43 5.78
N TYR B 109 -14.82 -18.60 4.68
CA TYR B 109 -15.94 -19.54 4.68
C TYR B 109 -15.49 -21.00 4.56
N ASN B 110 -14.62 -21.29 3.62
CA ASN B 110 -14.32 -22.67 3.26
C ASN B 110 -13.35 -23.33 4.24
N LYS B 111 -13.31 -24.66 4.23
CA LYS B 111 -12.35 -25.39 5.05
C LYS B 111 -10.94 -25.14 4.52
N PRO B 112 -9.93 -25.06 5.42
CA PRO B 112 -8.56 -24.82 5.00
C PRO B 112 -8.07 -25.78 3.93
N THR B 113 -8.55 -27.02 3.97
CA THR B 113 -8.12 -28.10 3.07
C THR B 113 -8.91 -28.17 1.74
N ASP B 114 -9.92 -27.33 1.58
CA ASP B 114 -10.73 -27.31 0.35
C ASP B 114 -9.91 -26.84 -0.84
N ASP B 115 -10.09 -27.48 -2.00
CA ASP B 115 -9.43 -27.06 -3.24
C ASP B 115 -9.69 -25.58 -3.58
N ILE B 116 -10.90 -25.10 -3.28
CA ILE B 116 -11.27 -23.72 -3.60
C ILE B 116 -10.31 -22.71 -2.96
N VAL B 117 -9.83 -23.02 -1.76
CA VAL B 117 -8.85 -22.17 -1.09
C VAL B 117 -7.55 -22.07 -1.89
N LEU B 118 -7.08 -23.20 -2.41
CA LEU B 118 -5.87 -23.23 -3.23
CA LEU B 118 -5.87 -23.23 -3.25
C LEU B 118 -6.05 -22.43 -4.52
N MET B 119 -7.25 -22.53 -5.08
CA MET B 119 -7.58 -21.85 -6.34
C MET B 119 -7.61 -20.33 -6.11
N ALA B 120 -8.23 -19.90 -5.01
CA ALA B 120 -8.23 -18.49 -4.65
C ALA B 120 -6.82 -17.95 -4.42
N GLN B 121 -6.00 -18.68 -3.67
CA GLN B 121 -4.58 -18.31 -3.43
C GLN B 121 -3.80 -18.12 -4.73
N THR B 122 -3.98 -19.04 -5.68
CA THR B 122 -3.32 -18.97 -6.97
C THR B 122 -3.73 -17.70 -7.74
N LEU B 123 -5.03 -17.44 -7.80
CA LEU B 123 -5.55 -16.26 -8.48
C LEU B 123 -5.11 -14.98 -7.78
N GLU B 124 -5.12 -15.00 -6.45
CA GLU B 124 -4.75 -13.82 -5.65
C GLU B 124 -3.29 -13.43 -5.87
N LYS B 125 -2.42 -14.42 -6.03
CA LYS B 125 -1.00 -14.15 -6.30
C LYS B 125 -0.81 -13.43 -7.64
N ILE B 126 -1.57 -13.85 -8.65
CA ILE B 126 -1.56 -13.20 -9.97
C ILE B 126 -2.09 -11.77 -9.86
N PHE B 127 -3.18 -11.61 -9.11
CA PHE B 127 -3.75 -10.29 -8.84
C PHE B 127 -2.69 -9.33 -8.31
N LEU B 128 -1.99 -9.75 -7.25
CA LEU B 128 -0.95 -8.90 -6.66
C LEU B 128 0.22 -8.65 -7.60
N GLN B 129 0.64 -9.68 -8.34
CA GLN B 129 1.70 -9.53 -9.34
C GLN B 129 1.36 -8.47 -10.37
N LYS B 130 0.14 -8.51 -10.87
CA LYS B 130 -0.32 -7.57 -11.90
C LYS B 130 -0.54 -6.17 -11.32
N VAL B 131 -1.09 -6.10 -10.12
CA VAL B 131 -1.26 -4.82 -9.40
C VAL B 131 0.07 -4.10 -9.17
N ALA B 132 1.14 -4.87 -8.95
CA ALA B 132 2.48 -4.31 -8.76
C ALA B 132 2.95 -3.46 -9.96
N SER B 133 2.46 -3.78 -11.15
CA SER B 133 2.85 -3.06 -12.38
C SER B 133 1.80 -2.05 -12.86
N MET B 134 0.81 -1.75 -12.02
CA MET B 134 -0.24 -0.79 -12.36
C MET B 134 0.34 0.64 -12.39
N PRO B 135 -0.12 1.48 -13.35
CA PRO B 135 0.30 2.88 -13.40
C PRO B 135 0.16 3.61 -12.05
N GLN B 136 1.14 4.45 -11.72
CA GLN B 136 1.32 4.95 -10.35
C GLN B 136 0.32 6.03 -9.95
N GLU B 137 0.16 7.04 -10.80
CA GLU B 137 -0.75 8.16 -10.55
C GLU B 137 -2.05 7.97 -11.33
N GLU B 138 -3.18 8.10 -10.63
CA GLU B 138 -4.49 7.92 -11.24
C GLU B 138 -4.90 9.15 -12.06
N GLN B 139 -5.49 8.92 -13.23
CA GLN B 139 -5.90 9.99 -14.13
C GLN B 139 -7.39 10.30 -13.96
N THR C 30 2.53 36.66 12.88
CA THR C 30 3.17 36.04 11.68
C THR C 30 2.17 35.16 10.91
N ASN C 31 1.26 35.81 10.18
CA ASN C 31 0.31 35.11 9.32
C ASN C 31 0.98 34.28 8.22
N GLN C 32 2.13 34.76 7.73
CA GLN C 32 2.87 34.08 6.66
C GLN C 32 3.36 32.69 7.07
N LEU C 33 4.02 32.61 8.23
CA LEU C 33 4.50 31.32 8.73
C LEU C 33 3.35 30.39 9.12
N GLN C 34 2.29 30.97 9.68
CA GLN C 34 1.08 30.21 9.99
C GLN C 34 0.45 29.65 8.72
N TYR C 35 0.42 30.47 7.67
CA TYR C 35 -0.05 30.05 6.35
C TYR C 35 0.84 28.95 5.77
N LEU C 36 2.15 29.14 5.86
CA LEU C 36 3.11 28.13 5.40
C LEU C 36 2.94 26.79 6.14
N HIS C 37 2.58 26.85 7.42
CA HIS C 37 2.36 25.64 8.21
C HIS C 37 0.99 25.05 7.92
N LYS C 38 -0.06 25.87 8.11
CA LYS C 38 -1.43 25.38 8.06
C LYS C 38 -2.01 25.18 6.66
N VAL C 39 -1.44 25.84 5.65
CA VAL C 39 -1.93 25.70 4.28
C VAL C 39 -0.92 25.01 3.36
N VAL C 40 0.30 25.54 3.30
CA VAL C 40 1.31 25.01 2.37
C VAL C 40 1.81 23.63 2.83
N MET C 41 2.32 23.54 4.05
CA MET C 41 2.84 22.26 4.54
C MET C 41 1.75 21.20 4.67
N LYS C 42 0.55 21.60 5.07
CA LYS C 42 -0.56 20.64 5.18
C LYS C 42 -0.86 19.97 3.84
N ALA C 43 -0.85 20.75 2.76
CA ALA C 43 -1.10 20.21 1.41
C ALA C 43 0.06 19.35 0.89
N LEU C 44 1.30 19.75 1.15
CA LEU C 44 2.46 19.01 0.65
C LEU C 44 2.71 17.72 1.43
N TRP C 45 2.57 17.79 2.75
CA TRP C 45 2.85 16.65 3.62
C TRP C 45 2.02 15.40 3.27
N LYS C 46 0.75 15.61 2.96
CA LYS C 46 -0.17 14.50 2.70
C LYS C 46 -0.29 14.16 1.21
N HIS C 47 0.43 14.88 0.36
CA HIS C 47 0.44 14.61 -1.07
C HIS C 47 1.03 13.22 -1.33
N GLN C 48 0.54 12.53 -2.36
CA GLN C 48 0.98 11.15 -2.65
C GLN C 48 2.48 11.05 -3.01
N PHE C 49 3.07 12.15 -3.48
CA PHE C 49 4.49 12.19 -3.83
C PHE C 49 5.38 12.68 -2.69
N ALA C 50 4.81 12.95 -1.52
CA ALA C 50 5.57 13.47 -0.39
C ALA C 50 6.52 12.45 0.23
N TRP C 51 6.19 11.16 0.13
CA TRP C 51 6.87 10.13 0.93
C TRP C 51 8.40 10.13 0.89
N PRO C 52 9.03 10.33 -0.30
CA PRO C 52 10.50 10.35 -0.30
C PRO C 52 11.12 11.57 0.40
N PHE C 53 10.30 12.59 0.67
CA PHE C 53 10.78 13.85 1.23
C PHE C 53 10.36 14.06 2.69
N ARG C 54 9.71 13.07 3.30
CA ARG C 54 9.18 13.25 4.67
C ARG C 54 10.25 13.09 5.76
N GLN C 55 11.41 12.58 5.37
CA GLN C 55 12.51 12.35 6.30
C GLN C 55 13.83 12.65 5.58
N PRO C 56 14.90 12.92 6.33
CA PRO C 56 16.19 13.20 5.69
C PRO C 56 16.65 12.04 4.81
N VAL C 57 17.30 12.37 3.71
CA VAL C 57 17.96 11.36 2.87
C VAL C 57 18.94 10.59 3.75
N ASP C 58 18.79 9.27 3.78
CA ASP C 58 19.75 8.40 4.47
C ASP C 58 20.64 7.78 3.41
N ALA C 59 21.80 8.38 3.18
CA ALA C 59 22.73 7.95 2.13
C ALA C 59 23.22 6.52 2.34
N VAL C 60 23.35 6.09 3.59
CA VAL C 60 23.77 4.73 3.91
C VAL C 60 22.68 3.72 3.51
N LYS C 61 21.48 3.91 4.06
CA LYS C 61 20.36 2.99 3.83
C LYS C 61 19.91 2.96 2.37
N LEU C 62 19.86 4.13 1.73
CA LEU C 62 19.42 4.24 0.34
C LEU C 62 20.53 3.91 -0.67
N GLY C 63 21.75 3.69 -0.18
CA GLY C 63 22.88 3.34 -1.04
C GLY C 63 23.34 4.49 -1.93
N LEU C 64 23.62 5.63 -1.30
CA LEU C 64 24.05 6.84 -2.00
C LEU C 64 25.32 7.40 -1.35
N PRO C 65 26.45 6.67 -1.46
CA PRO C 65 27.70 7.04 -0.76
C PRO C 65 28.25 8.45 -1.08
N ASP C 66 27.98 8.96 -2.28
CA ASP C 66 28.47 10.28 -2.69
C ASP C 66 27.48 11.43 -2.44
N TYR C 67 26.34 11.12 -1.82
CA TYR C 67 25.26 12.11 -1.65
C TYR C 67 25.73 13.36 -0.91
N HIS C 68 26.39 13.16 0.23
CA HIS C 68 26.80 14.29 1.06
C HIS C 68 28.08 14.99 0.57
N LYS C 69 28.75 14.41 -0.42
CA LYS C 69 29.86 15.09 -1.10
C LYS C 69 29.32 16.09 -2.14
N ILE C 70 28.18 15.75 -2.75
CA ILE C 70 27.56 16.57 -3.78
C ILE C 70 26.58 17.59 -3.18
N ILE C 71 25.72 17.12 -2.28
CA ILE C 71 24.74 17.98 -1.63
C ILE C 71 25.28 18.55 -0.32
N LYS C 72 25.45 19.87 -0.27
CA LYS C 72 26.08 20.54 0.87
C LYS C 72 25.10 20.79 2.02
N GLN C 73 23.83 21.03 1.70
CA GLN C 73 22.81 21.37 2.70
C GLN C 73 21.57 20.48 2.55
N PRO C 74 21.58 19.29 3.19
CA PRO C 74 20.41 18.42 3.15
C PRO C 74 19.18 19.11 3.73
N MET C 75 18.01 18.81 3.18
CA MET C 75 16.77 19.33 3.73
C MET C 75 15.62 18.38 3.35
N ASP C 76 14.60 18.35 4.20
CA ASP C 76 13.45 17.48 4.00
C ASP C 76 12.21 18.10 4.65
N MET C 77 11.03 17.60 4.28
CA MET C 77 9.77 18.14 4.81
C MET C 77 9.59 17.87 6.31
N GLY C 78 10.10 16.74 6.80
CA GLY C 78 10.02 16.40 8.22
C GLY C 78 10.67 17.48 9.07
N THR C 79 11.88 17.87 8.66
CA THR C 79 12.63 18.94 9.30
C THR C 79 11.89 20.26 9.21
N ILE C 80 11.40 20.60 8.02
CA ILE C 80 10.64 21.83 7.84
C ILE C 80 9.38 21.84 8.70
N LYS C 81 8.66 20.72 8.71
CA LYS C 81 7.45 20.57 9.50
C LYS C 81 7.73 20.77 10.99
N ARG C 82 8.78 20.12 11.48
CA ARG C 82 9.17 20.27 12.88
C ARG C 82 9.53 21.73 13.18
N ARG C 83 10.26 22.36 12.26
CA ARG C 83 10.68 23.75 12.44
C ARG C 83 9.48 24.71 12.51
N LEU C 84 8.46 24.46 11.69
CA LEU C 84 7.23 25.25 11.75
C LEU C 84 6.49 25.02 13.07
N GLU C 85 6.39 23.77 13.49
CA GLU C 85 5.72 23.40 14.73
C GLU C 85 6.38 24.04 15.96
N ASN C 86 7.70 24.19 15.90
CA ASN C 86 8.48 24.68 17.05
C ASN C 86 8.83 26.18 16.97
N ASN C 87 8.23 26.91 16.02
CA ASN C 87 8.46 28.36 15.85
C ASN C 87 9.90 28.72 15.50
N TYR C 88 10.60 27.78 14.84
CA TYR C 88 12.01 27.96 14.51
C TYR C 88 12.27 29.15 13.59
N TYR C 89 11.40 29.33 12.59
CA TYR C 89 11.68 30.31 11.53
C TYR C 89 11.58 31.76 11.97
N TRP C 90 12.60 32.53 11.59
CA TRP C 90 12.65 33.97 11.85
C TRP C 90 11.72 34.71 10.90
N ALA C 91 11.64 34.22 9.66
CA ALA C 91 10.79 34.83 8.64
C ALA C 91 10.30 33.77 7.64
N ALA C 92 9.24 34.10 6.91
CA ALA C 92 8.65 33.22 5.92
C ALA C 92 9.63 32.84 4.82
N SER C 93 10.49 33.79 4.45
CA SER C 93 11.52 33.56 3.43
C SER C 93 12.44 32.40 3.77
N GLU C 94 12.79 32.24 5.05
CA GLU C 94 13.65 31.14 5.50
C GLU C 94 13.02 29.77 5.26
N CYS C 95 11.72 29.66 5.55
CA CYS C 95 10.98 28.43 5.33
C CYS C 95 10.91 28.14 3.83
N MET C 96 10.65 29.17 3.05
CA MET C 96 10.61 29.06 1.58
C MET C 96 11.95 28.59 1.02
N GLN C 97 13.04 29.14 1.56
N GLN C 97 13.06 29.12 1.55
CA GLN C 97 14.39 28.73 1.16
CA GLN C 97 14.37 28.67 1.09
C GLN C 97 14.64 27.25 1.46
C GLN C 97 14.63 27.21 1.44
N ASP C 98 14.13 26.77 2.59
CA ASP C 98 14.29 25.36 2.98
C ASP C 98 13.55 24.44 2.01
N PHE C 99 12.31 24.78 1.68
CA PHE C 99 11.59 24.06 0.61
C PHE C 99 12.40 24.06 -0.68
N ASN C 100 12.87 25.23 -1.09
CA ASN C 100 13.65 25.34 -2.32
C ASN C 100 14.91 24.45 -2.28
N THR C 101 15.62 24.48 -1.17
CA THR C 101 16.81 23.66 -1.00
C THR C 101 16.50 22.17 -1.15
N MET C 102 15.43 21.73 -0.51
CA MET C 102 14.99 20.34 -0.60
C MET C 102 14.78 19.92 -2.06
N PHE C 103 14.03 20.73 -2.80
CA PHE C 103 13.74 20.44 -4.20
C PHE C 103 15.00 20.50 -5.06
N THR C 104 15.78 21.56 -4.89
CA THR C 104 17.02 21.74 -5.64
C THR C 104 18.02 20.60 -5.42
N ASN C 105 18.20 20.15 -4.17
CA ASN C 105 19.07 19.00 -3.89
C ASN C 105 18.67 17.81 -4.75
N CYS C 106 17.36 17.58 -4.83
CA CYS C 106 16.82 16.47 -5.59
C CYS C 106 17.15 16.59 -7.08
N TYR C 107 16.91 17.78 -7.65
CA TYR C 107 17.21 18.02 -9.07
C TYR C 107 18.70 17.86 -9.37
N ILE C 108 19.53 18.31 -8.43
CA ILE C 108 20.98 18.31 -8.61
C ILE C 108 21.56 16.89 -8.51
N TYR C 109 21.13 16.14 -7.50
CA TYR C 109 21.74 14.83 -7.24
C TYR C 109 21.26 13.74 -8.17
N ASN C 110 19.94 13.65 -8.36
CA ASN C 110 19.34 12.53 -9.09
C ASN C 110 19.44 12.67 -10.61
N LYS C 111 19.31 11.56 -11.32
CA LYS C 111 19.31 11.58 -12.79
C LYS C 111 18.04 12.27 -13.30
N PRO C 112 18.13 12.98 -14.45
CA PRO C 112 16.95 13.66 -15.00
C PRO C 112 15.73 12.75 -15.19
N THR C 113 15.99 11.49 -15.55
CA THR C 113 14.92 10.52 -15.81
C THR C 113 14.37 9.82 -14.57
N ASP C 114 14.98 10.06 -13.40
CA ASP C 114 14.50 9.45 -12.16
C ASP C 114 13.10 9.94 -11.81
N ASP C 115 12.26 9.03 -11.33
CA ASP C 115 10.88 9.34 -10.94
C ASP C 115 10.77 10.40 -9.85
N ILE C 116 11.75 10.40 -8.93
CA ILE C 116 11.75 11.37 -7.83
C ILE C 116 11.89 12.81 -8.32
N VAL C 117 12.55 13.02 -9.46
CA VAL C 117 12.65 14.36 -10.06
C VAL C 117 11.27 14.87 -10.47
N LEU C 118 10.49 13.99 -11.11
CA LEU C 118 9.12 14.33 -11.50
C LEU C 118 8.24 14.61 -10.29
N MET C 119 8.43 13.81 -9.24
CA MET C 119 7.69 13.99 -7.99
C MET C 119 8.01 15.36 -7.37
N ALA C 120 9.29 15.72 -7.34
CA ALA C 120 9.72 17.02 -6.83
C ALA C 120 9.11 18.15 -7.64
N GLN C 121 9.13 18.02 -8.97
CA GLN C 121 8.55 19.02 -9.85
C GLN C 121 7.08 19.28 -9.54
N THR C 122 6.31 18.22 -9.34
CA THR C 122 4.89 18.30 -9.03
C THR C 122 4.66 19.00 -7.70
N LEU C 123 5.41 18.58 -6.68
CA LEU C 123 5.32 19.18 -5.35
C LEU C 123 5.73 20.65 -5.37
N GLU C 124 6.82 20.97 -6.06
CA GLU C 124 7.31 22.35 -6.08
C GLU C 124 6.32 23.29 -6.77
N LYS C 125 5.69 22.83 -7.83
CA LYS C 125 4.66 23.62 -8.52
C LYS C 125 3.51 23.96 -7.57
N ILE C 126 3.10 22.99 -6.75
CA ILE C 126 2.07 23.21 -5.74
C ILE C 126 2.56 24.23 -4.70
N PHE C 127 3.78 24.01 -4.20
CA PHE C 127 4.43 24.94 -3.26
C PHE C 127 4.34 26.39 -3.78
N LEU C 128 4.77 26.61 -5.02
CA LEU C 128 4.77 27.96 -5.60
C LEU C 128 3.39 28.56 -5.79
N GLN C 129 2.45 27.72 -6.25
CA GLN C 129 1.06 28.13 -6.40
C GLN C 129 0.53 28.66 -5.06
N LYS C 130 0.78 27.90 -3.99
CA LYS C 130 0.33 28.28 -2.67
C LYS C 130 1.05 29.51 -2.13
N VAL C 131 2.36 29.59 -2.38
CA VAL C 131 3.14 30.77 -1.95
C VAL C 131 2.63 32.06 -2.59
N ALA C 132 2.14 31.98 -3.83
CA ALA C 132 1.60 33.15 -4.52
C ALA C 132 0.38 33.74 -3.81
N SER C 133 -0.39 32.89 -3.13
CA SER C 133 -1.58 33.33 -2.40
C SER C 133 -1.32 33.50 -0.90
N MET C 134 -0.05 33.56 -0.51
CA MET C 134 0.34 33.79 0.87
C MET C 134 0.01 35.23 1.26
N PRO C 135 -0.36 35.47 2.53
CA PRO C 135 -0.57 36.86 2.97
C PRO C 135 0.74 37.63 3.07
N GLN C 136 0.63 38.95 3.23
N GLN C 136 0.65 38.96 3.23
CA GLN C 136 1.79 39.84 3.33
CA GLN C 136 1.83 39.80 3.40
C GLN C 136 2.37 39.79 4.74
C GLN C 136 1.87 40.41 4.80
CAA 3PF D . -1.91 -13.86 13.68
OAB 3PF D . -3.84 -15.72 13.31
CAC 3PF D . -4.33 -14.04 19.27
CAD 3PF D . -5.31 -14.96 18.94
CAE 3PF D . -3.34 -13.73 18.36
CAF 3PF D . -5.30 -15.55 17.70
CAG 3PF D . -2.28 -14.02 16.09
NAH 3PF D . -4.31 -15.84 15.52
CAI 3PF D . -3.62 -15.35 14.46
CAJ 3PF D . -3.32 -14.32 17.11
CAK 3PF D . -4.32 -15.25 16.79
NAL 3PF D . -2.69 -14.40 14.76
C1 EDO E . -5.95 -10.91 19.87
O1 EDO E . -6.28 -10.06 20.97
C2 EDO E . -6.98 -10.73 18.78
O2 EDO E . -8.26 -11.19 19.26
C1 EDO F . 14.97 -2.11 0.02
O1 EDO F . 14.93 -3.32 0.79
C2 EDO F . 13.91 -1.13 0.50
O2 EDO F . 14.04 -0.91 1.91
S SO4 G . 0.65 -0.75 20.38
O1 SO4 G . 0.81 -2.21 20.40
O2 SO4 G . 1.15 -0.19 21.63
O3 SO4 G . 1.38 -0.19 19.25
O4 SO4 G . -0.78 -0.43 20.25
S SO4 H . 14.00 -14.23 7.70
O1 SO4 H . 13.03 -15.20 8.23
O2 SO4 H . 13.91 -12.98 8.44
O3 SO4 H . 15.35 -14.78 7.82
O4 SO4 H . 13.71 -13.98 6.29
CAA 3PF I . -16.28 -18.87 -4.23
OAB 3PF I . -16.07 -19.72 -1.64
CAC 3PF I . -17.62 -24.70 -4.97
CAD 3PF I . -17.28 -25.06 -3.68
CAE 3PF I . -17.70 -23.37 -5.32
CAF 3PF I . -17.02 -24.10 -2.75
CAG 3PF I . -17.51 -20.94 -4.72
NAH 3PF I . -16.83 -21.77 -2.16
CAI 3PF I . -16.52 -20.49 -2.48
CAJ 3PF I . -17.45 -22.39 -4.39
CAK 3PF I . -17.10 -22.76 -3.09
NAL 3PF I . -16.72 -20.16 -3.78
C1 EDO J . -13.90 -25.94 -5.75
O1 EDO J . -13.50 -27.23 -5.28
C2 EDO J . -14.33 -26.01 -7.20
O2 EDO J . -15.19 -27.14 -7.38
C1 EDO K . -24.36 -5.59 -7.49
O1 EDO K . -23.96 -5.89 -6.15
C2 EDO K . -23.47 -4.47 -8.01
O2 EDO K . -23.22 -4.62 -9.40
CAA 3PF L . 15.27 12.86 -1.77
OAB 3PF L . 17.20 13.07 -3.68
CAC 3PF L . 15.61 7.10 -3.66
CAD 3PF L . 16.52 7.36 -4.65
CAE 3PF L . 15.29 8.09 -2.74
CAF 3PF L . 17.11 8.59 -4.73
CAG 3PF L . 15.55 10.43 -1.85
NAH 3PF L . 17.38 10.83 -3.90
CAI 3PF L . 16.85 11.95 -3.32
CAJ 3PF L . 15.87 9.33 -2.82
CAK 3PF L . 16.79 9.58 -3.83
NAL 3PF L . 15.94 11.72 -2.35
S SO4 M . 13.85 23.16 16.27
O1 SO4 M . 13.63 22.10 17.25
O2 SO4 M . 15.03 23.95 16.62
O3 SO4 M . 14.04 22.56 14.96
O4 SO4 M . 12.70 24.05 16.24
#